data_6WBB
#
_entry.id   6WBB
#
_cell.length_a   78.268
_cell.length_b   90.556
_cell.length_c   100.420
_cell.angle_alpha   90.000
_cell.angle_beta   90.000
_cell.angle_gamma   90.000
#
_symmetry.space_group_name_H-M   'P 21 21 21'
#
loop_
_entity.id
_entity.type
_entity.pdbx_description
1 polymer 'Importin subunit alpha-1'
2 polymer 'DNA mismatch repair protein Mlh1'
3 water water
#
loop_
_entity_poly.entity_id
_entity_poly.type
_entity_poly.pdbx_seq_one_letter_code
_entity_poly.pdbx_strand_id
1 'polypeptide(L)'
;NQGTVNWSVEDIVKGINSNNLESQLQATQAARKLLSREKQPPIDNIIRAGLIPKFVSFLGKTDCSPIQFESAWALTNIAS
GTSEQTKAVVDGGAIPAFISLLASPHAHISEQAVWALGNIAGDGSAFRDLVIKHGAIDPLLALLAVPDLSTLACGYLRNL
TWTLSNLCRNKNPAPPLDAVEQILPTLVRLLHHNDPEVLADSCWAISYLTDGPNERIEMVVKKGVVPQLVKLLGATELPI
VTPALRAIGNIVTGTDEQTQKVIDAGALAVFPSLLTNPKTNIQKEATWTMSNITAGRQDQIQQVVNHGLVPFLVGVLSKA
DFKTQKEAAWAITNYTSGGTVEQIVYLVHCGIIEPLMNLLSAKDTKIIQVILDAISNIFQAAEKLGETEKLSIMIEECGG
LDKIEALQRHENESVYKASLNLIEKYFSVEEEEDQNVVPETTSEGFAFQVQDGAPGTFNF
;
I
2 'polypeptide(L)' SSNPRKRHRAD C,B
#
# COMPACT_ATOMS: atom_id res chain seq x y z
N GLY A 3 7.25 26.92 -33.32
CA GLY A 3 8.20 27.82 -32.69
C GLY A 3 9.34 27.09 -32.00
N THR A 4 9.01 26.34 -30.96
CA THR A 4 9.98 25.54 -30.22
C THR A 4 9.59 24.06 -30.23
N VAL A 5 8.91 23.61 -31.28
CA VAL A 5 8.34 22.28 -31.35
C VAL A 5 9.21 21.41 -32.24
N ASN A 6 9.61 20.24 -31.72
CA ASN A 6 10.31 19.21 -32.48
C ASN A 6 11.68 19.68 -32.97
N TRP A 7 12.45 20.26 -32.06
CA TRP A 7 13.85 20.52 -32.33
C TRP A 7 14.64 19.21 -32.32
N SER A 8 15.72 19.19 -33.08
CA SER A 8 16.69 18.12 -32.91
C SER A 8 17.45 18.32 -31.61
N VAL A 9 17.95 17.22 -31.04
CA VAL A 9 18.75 17.33 -29.82
C VAL A 9 19.99 18.18 -30.07
N GLU A 10 20.56 18.09 -31.28
CA GLU A 10 21.73 18.90 -31.61
C GLU A 10 21.39 20.38 -31.66
N ASP A 11 20.22 20.72 -32.21
CA ASP A 11 19.78 22.12 -32.20
C ASP A 11 19.60 22.62 -30.76
N ILE A 12 19.04 21.78 -29.89
CA ILE A 12 18.86 22.16 -28.49
C ILE A 12 20.21 22.43 -27.83
N VAL A 13 21.21 21.63 -28.16
CA VAL A 13 22.54 21.82 -27.57
C VAL A 13 23.18 23.10 -28.09
N LYS A 14 23.02 23.38 -29.39
CA LYS A 14 23.63 24.57 -29.96
C LYS A 14 23.09 25.84 -29.31
N GLY A 15 21.82 25.85 -28.93
CA GLY A 15 21.25 27.02 -28.29
C GLY A 15 21.55 27.11 -26.81
N ILE A 16 21.63 25.97 -26.13
CA ILE A 16 21.99 25.98 -24.72
C ILE A 16 23.47 26.32 -24.55
N ASN A 17 24.29 25.98 -25.55
CA ASN A 17 25.72 26.30 -25.52
C ASN A 17 26.03 27.69 -26.04
N SER A 18 25.07 28.37 -26.66
CA SER A 18 25.24 29.79 -26.91
C SER A 18 25.32 30.54 -25.59
N ASN A 19 25.94 31.72 -25.62
CA ASN A 19 25.99 32.58 -24.43
C ASN A 19 24.93 33.66 -24.51
N ASN A 20 23.78 33.32 -25.07
CA ASN A 20 22.61 34.21 -25.18
C ASN A 20 21.51 33.60 -24.32
N LEU A 21 21.14 34.31 -23.25
CA LEU A 21 20.17 33.75 -22.30
C LEU A 21 18.83 33.45 -22.96
N GLU A 22 18.44 34.26 -23.95
CA GLU A 22 17.15 34.03 -24.60
C GLU A 22 17.19 32.85 -25.56
N SER A 23 18.31 32.68 -26.29
CA SER A 23 18.48 31.47 -27.09
C SER A 23 18.52 30.24 -26.20
N GLN A 24 19.09 30.38 -25.00
CA GLN A 24 19.12 29.26 -24.06
C GLN A 24 17.72 28.95 -23.54
N LEU A 25 16.92 29.98 -23.26
CA LEU A 25 15.56 29.76 -22.81
C LEU A 25 14.74 29.06 -23.87
N GLN A 26 14.81 29.54 -25.11
CA GLN A 26 14.07 28.91 -26.21
C GLN A 26 14.53 27.46 -26.41
N ALA A 27 15.85 27.23 -26.37
CA ALA A 27 16.36 25.87 -26.52
C ALA A 27 15.95 24.98 -25.36
N THR A 28 15.86 25.53 -24.15
CA THR A 28 15.43 24.73 -23.00
C THR A 28 13.95 24.37 -23.11
N GLN A 29 13.11 25.34 -23.50
CA GLN A 29 11.70 25.02 -23.71
C GLN A 29 11.53 23.97 -24.78
N ALA A 30 12.30 24.06 -25.86
CA ALA A 30 12.28 23.02 -26.88
C ALA A 30 12.68 21.67 -26.29
N ALA A 31 13.66 21.65 -25.40
CA ALA A 31 14.02 20.41 -24.72
C ALA A 31 12.88 19.92 -23.84
N ARG A 32 12.16 20.83 -23.19
CA ARG A 32 11.03 20.44 -22.36
C ARG A 32 9.94 19.77 -23.19
N LYS A 33 9.62 20.36 -24.35
CA LYS A 33 8.56 19.78 -25.19
C LYS A 33 8.98 18.42 -25.72
N LEU A 34 10.26 18.25 -26.03
CA LEU A 34 10.77 16.93 -26.42
C LEU A 34 10.51 15.90 -25.32
N LEU A 35 10.84 16.25 -24.07
CA LEU A 35 10.70 15.33 -22.96
C LEU A 35 9.25 15.16 -22.50
N SER A 36 8.33 15.97 -23.00
CA SER A 36 6.92 15.87 -22.64
C SER A 36 6.14 14.91 -23.53
N ARG A 37 6.78 14.30 -24.51
CA ARG A 37 6.11 13.27 -25.30
C ARG A 37 5.89 12.03 -24.46
N GLU A 38 4.65 11.53 -24.46
CA GLU A 38 4.43 10.17 -23.98
C GLU A 38 4.91 9.13 -24.98
N LYS A 39 5.32 9.57 -26.16
CA LYS A 39 5.86 8.66 -27.19
C LYS A 39 7.39 8.52 -27.04
N GLN A 40 7.80 7.76 -26.02
CA GLN A 40 9.20 7.45 -25.73
C GLN A 40 10.08 8.70 -25.81
N PRO A 41 9.99 9.59 -24.82
CA PRO A 41 10.78 10.81 -24.89
C PRO A 41 12.25 10.50 -24.89
N PRO A 42 13.04 11.24 -25.67
CA PRO A 42 14.46 10.92 -25.80
C PRO A 42 15.23 11.30 -24.55
N ILE A 43 14.87 10.68 -23.42
CA ILE A 43 15.55 10.96 -22.16
C ILE A 43 17.04 10.70 -22.30
N ASP A 44 17.39 9.51 -22.82
CA ASP A 44 18.79 9.14 -22.87
C ASP A 44 19.60 10.10 -23.74
N ASN A 45 19.10 10.42 -24.94
CA ASN A 45 19.83 11.30 -25.84
C ASN A 45 20.02 12.68 -25.23
N ILE A 46 19.04 13.18 -24.47
CA ILE A 46 19.22 14.44 -23.75
C ILE A 46 20.33 14.29 -22.71
N ILE A 47 20.38 13.13 -22.05
CA ILE A 47 21.41 12.91 -21.03
C ILE A 47 22.79 12.81 -21.67
N ARG A 48 22.92 12.00 -22.74
CA ARG A 48 24.22 11.81 -23.37
C ARG A 48 24.81 13.09 -23.93
N ALA A 49 23.97 14.10 -24.18
CA ALA A 49 24.47 15.38 -24.70
C ALA A 49 25.03 16.29 -23.61
N GLY A 50 24.98 15.87 -22.35
CA GLY A 50 25.53 16.67 -21.27
C GLY A 50 24.67 17.83 -20.84
N LEU A 51 23.35 17.75 -21.03
CA LEU A 51 22.47 18.88 -20.79
C LEU A 51 22.06 19.02 -19.33
N ILE A 52 22.21 17.97 -18.52
CA ILE A 52 21.72 18.02 -17.13
C ILE A 52 22.46 19.08 -16.31
N PRO A 53 23.79 19.18 -16.34
CA PRO A 53 24.43 20.30 -15.62
C PRO A 53 23.93 21.67 -16.04
N LYS A 54 23.66 21.85 -17.34
CA LYS A 54 23.14 23.13 -17.81
C LYS A 54 21.73 23.37 -17.29
N PHE A 55 20.89 22.33 -17.29
CA PHE A 55 19.55 22.46 -16.73
C PHE A 55 19.61 22.79 -15.24
N VAL A 56 20.43 22.06 -14.49
CA VAL A 56 20.56 22.30 -13.05
C VAL A 56 21.02 23.73 -12.80
N SER A 57 21.97 24.22 -13.60
CA SER A 57 22.47 25.58 -13.40
C SER A 57 21.41 26.63 -13.73
N PHE A 58 20.52 26.34 -14.67
CA PHE A 58 19.43 27.27 -14.97
C PHE A 58 18.44 27.39 -13.84
N LEU A 59 18.37 26.39 -12.95
CA LEU A 59 17.44 26.43 -11.83
C LEU A 59 17.73 27.61 -10.91
N GLY A 60 18.98 28.04 -10.81
CA GLY A 60 19.36 29.14 -9.96
C GLY A 60 19.28 30.51 -10.60
N LYS A 61 18.90 30.60 -11.88
CA LYS A 61 18.78 31.88 -12.58
C LYS A 61 17.50 32.57 -12.12
N THR A 62 17.58 33.17 -10.93
CA THR A 62 16.42 33.88 -10.37
C THR A 62 16.01 35.06 -11.24
N ASP A 63 16.95 35.64 -11.97
CA ASP A 63 16.67 36.79 -12.82
C ASP A 63 15.81 36.44 -14.03
N CYS A 64 15.65 35.14 -14.34
CA CYS A 64 14.91 34.70 -15.53
C CYS A 64 14.05 33.49 -15.10
N SER A 65 12.92 33.78 -14.48
CA SER A 65 12.04 32.72 -14.01
C SER A 65 11.56 31.76 -15.11
N PRO A 66 11.34 32.16 -16.37
CA PRO A 66 10.89 31.16 -17.35
C PRO A 66 11.87 30.01 -17.56
N ILE A 67 13.18 30.29 -17.58
CA ILE A 67 14.13 29.21 -17.77
C ILE A 67 14.23 28.34 -16.52
N GLN A 68 13.92 28.90 -15.35
CA GLN A 68 13.78 28.08 -14.15
C GLN A 68 12.63 27.09 -14.31
N PHE A 69 11.51 27.55 -14.88
CA PHE A 69 10.35 26.69 -15.04
C PHE A 69 10.61 25.61 -16.09
N GLU A 70 11.21 25.97 -17.23
CA GLU A 70 11.42 25.00 -18.29
C GLU A 70 12.44 23.95 -17.88
N SER A 71 13.47 24.33 -17.12
CA SER A 71 14.44 23.37 -16.64
C SER A 71 13.82 22.47 -15.57
N ALA A 72 13.06 23.06 -14.65
CA ALA A 72 12.35 22.28 -13.65
C ALA A 72 11.45 21.24 -14.29
N TRP A 73 10.72 21.64 -15.33
CA TRP A 73 9.88 20.70 -16.07
C TRP A 73 10.73 19.65 -16.78
N ALA A 74 11.76 20.09 -17.51
CA ALA A 74 12.59 19.16 -18.26
C ALA A 74 13.26 18.16 -17.33
N LEU A 75 13.86 18.65 -16.24
CA LEU A 75 14.53 17.75 -15.31
C LEU A 75 13.53 16.82 -14.63
N THR A 76 12.33 17.32 -14.33
CA THR A 76 11.29 16.48 -13.75
C THR A 76 11.04 15.24 -14.58
N ASN A 77 10.98 15.40 -15.91
CA ASN A 77 10.67 14.28 -16.78
C ASN A 77 11.85 13.32 -16.90
N ILE A 78 13.08 13.83 -16.88
CA ILE A 78 14.25 12.95 -16.85
C ILE A 78 14.25 12.15 -15.55
N ALA A 79 13.95 12.81 -14.43
CA ALA A 79 13.85 12.11 -13.15
C ALA A 79 12.68 11.15 -13.08
N SER A 80 11.73 11.23 -14.02
CA SER A 80 10.56 10.37 -14.01
C SER A 80 10.81 8.99 -14.62
N GLY A 81 11.98 8.78 -15.23
CA GLY A 81 12.25 7.53 -15.91
C GLY A 81 12.87 6.45 -15.04
N THR A 82 13.94 5.82 -15.54
CA THR A 82 14.58 4.73 -14.83
C THR A 82 15.39 5.26 -13.64
N SER A 83 15.93 4.31 -12.86
CA SER A 83 16.80 4.68 -11.75
C SER A 83 18.06 5.38 -12.24
N GLU A 84 18.67 4.86 -13.31
CA GLU A 84 19.86 5.50 -13.85
C GLU A 84 19.54 6.89 -14.39
N GLN A 85 18.36 7.07 -14.98
CA GLN A 85 17.97 8.39 -15.45
C GLN A 85 17.72 9.33 -14.28
N THR A 86 17.09 8.83 -13.22
CA THR A 86 16.95 9.62 -11.99
C THR A 86 18.32 9.91 -11.39
N LYS A 87 19.21 8.92 -11.39
CA LYS A 87 20.55 9.11 -10.83
C LYS A 87 21.29 10.23 -11.54
N ALA A 88 21.09 10.37 -12.85
CA ALA A 88 21.76 11.43 -13.60
C ALA A 88 21.30 12.81 -13.15
N VAL A 89 20.00 12.94 -12.86
CA VAL A 89 19.48 14.21 -12.34
C VAL A 89 20.11 14.51 -10.99
N VAL A 90 20.17 13.50 -10.11
CA VAL A 90 20.80 13.68 -8.80
C VAL A 90 22.30 13.95 -8.95
N ASP A 91 22.95 13.22 -9.86
CA ASP A 91 24.39 13.40 -10.06
C ASP A 91 24.73 14.82 -10.50
N GLY A 92 23.82 15.49 -11.21
CA GLY A 92 24.01 16.86 -11.62
C GLY A 92 23.80 17.90 -10.53
N GLY A 93 23.54 17.47 -9.30
CA GLY A 93 23.30 18.39 -8.20
C GLY A 93 21.92 18.98 -8.11
N ALA A 94 20.89 18.30 -8.63
CA ALA A 94 19.58 18.90 -8.74
C ALA A 94 18.87 19.01 -7.40
N ILE A 95 19.19 18.15 -6.43
CA ILE A 95 18.45 18.13 -5.17
C ILE A 95 18.55 19.47 -4.43
N PRO A 96 19.74 20.02 -4.13
CA PRO A 96 19.76 21.30 -3.42
C PRO A 96 19.19 22.44 -4.25
N ALA A 97 19.30 22.38 -5.58
CA ALA A 97 18.73 23.44 -6.41
C ALA A 97 17.21 23.40 -6.41
N PHE A 98 16.64 22.19 -6.47
CA PHE A 98 15.18 22.07 -6.44
C PHE A 98 14.62 22.48 -5.07
N ILE A 99 15.31 22.12 -3.99
CA ILE A 99 14.86 22.52 -2.66
C ILE A 99 14.87 24.03 -2.52
N SER A 100 15.80 24.71 -3.19
CA SER A 100 15.83 26.16 -3.18
C SER A 100 14.61 26.74 -3.89
N LEU A 101 14.16 26.10 -4.96
CA LEU A 101 13.00 26.58 -5.71
C LEU A 101 11.70 26.43 -4.94
N LEU A 102 11.68 25.68 -3.83
CA LEU A 102 10.47 25.55 -3.04
C LEU A 102 10.01 26.90 -2.49
N ALA A 103 10.94 27.83 -2.29
CA ALA A 103 10.63 29.16 -1.79
C ALA A 103 10.42 30.18 -2.92
N SER A 104 10.22 29.71 -4.15
CA SER A 104 10.03 30.61 -5.27
C SER A 104 8.75 31.42 -5.10
N PRO A 105 8.76 32.70 -5.51
CA PRO A 105 7.51 33.48 -5.52
C PRO A 105 6.55 33.09 -6.63
N HIS A 106 7.01 32.33 -7.61
CA HIS A 106 6.14 31.81 -8.67
C HIS A 106 5.64 30.44 -8.24
N ALA A 107 4.32 30.33 -8.01
CA ALA A 107 3.75 29.07 -7.54
C ALA A 107 3.95 27.95 -8.55
N HIS A 108 3.99 28.27 -9.84
CA HIS A 108 4.16 27.24 -10.86
C HIS A 108 5.59 26.71 -10.92
N ILE A 109 6.57 27.49 -10.46
CA ILE A 109 7.93 26.98 -10.33
C ILE A 109 8.06 26.18 -9.04
N SER A 110 7.48 26.67 -7.95
CA SER A 110 7.47 25.92 -6.70
C SER A 110 6.79 24.56 -6.88
N GLU A 111 5.65 24.55 -7.58
CA GLU A 111 4.94 23.29 -7.82
C GLU A 111 5.82 22.31 -8.60
N GLN A 112 6.54 22.80 -9.60
CA GLN A 112 7.38 21.92 -10.41
C GLN A 112 8.50 21.32 -9.57
N ALA A 113 9.09 22.12 -8.67
CA ALA A 113 10.13 21.60 -7.80
C ALA A 113 9.58 20.58 -6.80
N VAL A 114 8.35 20.78 -6.33
CA VAL A 114 7.67 19.76 -5.53
C VAL A 114 7.56 18.46 -6.32
N TRP A 115 7.09 18.57 -7.56
CA TRP A 115 6.95 17.41 -8.43
C TRP A 115 8.29 16.71 -8.64
N ALA A 116 9.34 17.48 -8.90
CA ALA A 116 10.63 16.88 -9.23
C ALA A 116 11.21 16.15 -8.03
N LEU A 117 11.18 16.77 -6.86
CA LEU A 117 11.65 16.10 -5.64
C LEU A 117 10.85 14.83 -5.38
N GLY A 118 9.56 14.84 -5.71
CA GLY A 118 8.77 13.62 -5.59
C GLY A 118 9.28 12.50 -6.48
N ASN A 119 9.67 12.82 -7.71
CA ASN A 119 10.21 11.80 -8.60
C ASN A 119 11.55 11.27 -8.10
N ILE A 120 12.38 12.15 -7.54
CA ILE A 120 13.67 11.72 -7.02
C ILE A 120 13.49 10.84 -5.79
N ALA A 121 12.68 11.31 -4.83
CA ALA A 121 12.42 10.52 -3.64
C ALA A 121 11.71 9.21 -3.97
N GLY A 122 10.88 9.21 -5.01
CA GLY A 122 10.16 8.01 -5.40
C GLY A 122 11.04 6.88 -5.92
N ASP A 123 12.30 7.15 -6.24
CA ASP A 123 13.17 6.12 -6.79
C ASP A 123 13.44 5.01 -5.79
N GLY A 124 13.58 5.35 -4.51
CA GLY A 124 13.83 4.35 -3.50
C GLY A 124 14.37 4.96 -2.22
N SER A 125 14.77 4.07 -1.31
CA SER A 125 15.18 4.47 0.03
C SER A 125 16.32 5.49 -0.01
N ALA A 126 17.38 5.18 -0.76
CA ALA A 126 18.59 5.99 -0.70
C ALA A 126 18.33 7.43 -1.14
N PHE A 127 17.72 7.62 -2.30
CA PHE A 127 17.44 8.97 -2.78
C PHE A 127 16.40 9.65 -1.91
N ARG A 128 15.42 8.90 -1.40
CA ARG A 128 14.45 9.45 -0.47
C ARG A 128 15.16 10.03 0.75
N ASP A 129 16.08 9.27 1.34
CA ASP A 129 16.81 9.76 2.51
C ASP A 129 17.80 10.85 2.14
N LEU A 130 18.29 10.86 0.89
CA LEU A 130 19.16 11.97 0.46
C LEU A 130 18.37 13.27 0.35
N VAL A 131 17.15 13.20 -0.18
CA VAL A 131 16.29 14.39 -0.26
C VAL A 131 16.00 14.90 1.15
N ILE A 132 15.79 14.00 2.11
CA ILE A 132 15.54 14.40 3.48
C ILE A 132 16.78 15.04 4.09
N LYS A 133 17.96 14.44 3.86
CA LYS A 133 19.20 14.98 4.40
C LYS A 133 19.48 16.38 3.87
N HIS A 134 19.10 16.65 2.61
CA HIS A 134 19.27 17.98 2.03
C HIS A 134 18.28 18.99 2.60
N GLY A 135 17.39 18.58 3.50
CA GLY A 135 16.53 19.52 4.19
C GLY A 135 15.23 19.87 3.49
N ALA A 136 14.61 18.92 2.79
CA ALA A 136 13.42 19.21 1.99
C ALA A 136 12.13 19.29 2.80
N ILE A 137 12.06 18.63 3.96
CA ILE A 137 10.78 18.48 4.64
C ILE A 137 10.27 19.81 5.17
N ASP A 138 11.17 20.63 5.75
CA ASP A 138 10.75 21.92 6.28
C ASP A 138 10.12 22.81 5.21
N PRO A 139 10.77 23.09 4.07
CA PRO A 139 10.10 23.94 3.06
C PRO A 139 8.84 23.32 2.48
N LEU A 140 8.80 21.99 2.35
CA LEU A 140 7.59 21.34 1.84
C LEU A 140 6.42 21.58 2.79
N LEU A 141 6.60 21.25 4.08
CA LEU A 141 5.53 21.43 5.05
C LEU A 141 5.15 22.90 5.19
N ALA A 142 6.11 23.81 5.04
CA ALA A 142 5.81 25.24 5.15
C ALA A 142 4.79 25.67 4.09
N LEU A 143 4.88 25.09 2.89
CA LEU A 143 3.90 25.38 1.84
C LEU A 143 2.49 24.97 2.23
N LEU A 144 2.33 24.14 3.27
CA LEU A 144 1.02 23.72 3.75
C LEU A 144 0.61 24.41 5.04
N ALA A 145 1.41 25.35 5.53
CA ALA A 145 1.11 26.08 6.76
C ALA A 145 0.11 27.20 6.45
N VAL A 146 -1.13 26.78 6.21
CA VAL A 146 -2.22 27.71 5.94
C VAL A 146 -3.37 27.40 6.89
N PRO A 147 -4.20 28.38 7.27
CA PRO A 147 -5.38 28.06 8.07
C PRO A 147 -6.31 27.07 7.41
N ASP A 148 -6.55 27.23 6.10
CA ASP A 148 -7.49 26.38 5.37
C ASP A 148 -6.81 25.88 4.10
N LEU A 149 -6.76 24.56 3.93
CA LEU A 149 -6.07 23.98 2.78
C LEU A 149 -6.78 24.31 1.47
N SER A 150 -8.09 24.51 1.51
CA SER A 150 -8.86 24.73 0.29
C SER A 150 -8.53 26.06 -0.39
N THR A 151 -7.79 26.95 0.27
CA THR A 151 -7.33 28.17 -0.40
C THR A 151 -6.17 27.90 -1.33
N LEU A 152 -5.41 26.83 -1.11
CA LEU A 152 -4.36 26.44 -2.03
C LEU A 152 -4.96 25.91 -3.33
N ALA A 153 -4.21 26.09 -4.42
CA ALA A 153 -4.62 25.54 -5.70
C ALA A 153 -4.74 24.02 -5.60
N CYS A 154 -5.77 23.48 -6.25
CA CYS A 154 -6.10 22.07 -6.07
C CYS A 154 -4.98 21.17 -6.57
N GLY A 155 -4.44 21.47 -7.77
CA GLY A 155 -3.33 20.68 -8.28
C GLY A 155 -2.04 20.88 -7.50
N TYR A 156 -1.83 22.08 -6.97
CA TYR A 156 -0.68 22.33 -6.11
C TYR A 156 -0.74 21.46 -4.86
N LEU A 157 -1.91 21.41 -4.21
CA LEU A 157 -2.09 20.57 -3.04
C LEU A 157 -1.87 19.09 -3.37
N ARG A 158 -2.38 18.65 -4.52
CA ARG A 158 -2.24 17.24 -4.89
C ARG A 158 -0.78 16.87 -5.09
N ASN A 159 0.00 17.75 -5.72
CA ASN A 159 1.42 17.46 -5.93
C ASN A 159 2.17 17.43 -4.61
N LEU A 160 1.82 18.32 -3.68
CA LEU A 160 2.47 18.33 -2.37
C LEU A 160 2.16 17.05 -1.61
N THR A 161 0.88 16.65 -1.59
CA THR A 161 0.50 15.40 -0.92
C THR A 161 1.21 14.20 -1.54
N TRP A 162 1.30 14.16 -2.87
CA TRP A 162 1.94 13.03 -3.53
C TRP A 162 3.43 12.96 -3.20
N THR A 163 4.12 14.10 -3.22
CA THR A 163 5.55 14.10 -2.90
C THR A 163 5.78 13.73 -1.44
N LEU A 164 4.96 14.28 -0.53
CA LEU A 164 5.00 13.84 0.86
C LEU A 164 4.76 12.34 0.96
N SER A 165 3.85 11.81 0.14
CA SER A 165 3.60 10.37 0.13
C SER A 165 4.87 9.59 -0.16
N ASN A 166 5.71 10.08 -1.08
CA ASN A 166 6.93 9.36 -1.44
C ASN A 166 8.02 9.49 -0.37
N LEU A 167 7.98 10.54 0.44
CA LEU A 167 8.91 10.63 1.55
C LEU A 167 8.58 9.64 2.66
N CYS A 168 7.36 9.09 2.66
CA CYS A 168 6.98 8.05 3.60
C CYS A 168 7.13 6.64 3.02
N ARG A 169 7.48 6.54 1.74
CA ARG A 169 7.40 5.27 1.03
C ARG A 169 8.72 4.49 1.12
N ASN A 170 8.61 3.17 0.90
CA ASN A 170 9.71 2.21 0.83
C ASN A 170 10.19 1.81 2.22
N LYS A 171 10.76 0.59 2.33
CA LYS A 171 10.83 -0.11 3.61
C LYS A 171 12.24 -0.46 4.08
N ASN A 172 13.23 -0.57 3.20
CA ASN A 172 14.55 -1.06 3.59
C ASN A 172 15.62 -0.03 3.24
N PRO A 173 15.88 0.95 4.13
CA PRO A 173 15.20 1.10 5.41
C PRO A 173 13.92 1.94 5.33
N ALA A 174 13.12 1.88 6.38
CA ALA A 174 11.99 2.78 6.52
C ALA A 174 12.51 4.21 6.68
N PRO A 175 11.67 5.22 6.41
CA PRO A 175 12.12 6.62 6.56
C PRO A 175 12.57 6.90 7.98
N PRO A 176 13.40 7.92 8.18
CA PRO A 176 13.87 8.22 9.53
C PRO A 176 12.71 8.50 10.48
N LEU A 177 12.83 7.98 11.70
CA LEU A 177 11.77 8.13 12.70
C LEU A 177 11.44 9.60 12.93
N ASP A 178 12.46 10.44 13.07
CA ASP A 178 12.21 11.85 13.34
C ASP A 178 11.60 12.56 12.14
N ALA A 179 11.87 12.07 10.92
CA ALA A 179 11.24 12.64 9.74
C ALA A 179 9.77 12.27 9.68
N VAL A 180 9.43 11.02 10.04
CA VAL A 180 8.04 10.60 10.05
C VAL A 180 7.24 11.39 11.08
N GLU A 181 7.82 11.61 12.26
CA GLU A 181 7.16 12.42 13.27
C GLU A 181 6.97 13.84 12.78
N GLN A 182 7.96 14.36 12.06
CA GLN A 182 7.86 15.71 11.51
C GLN A 182 6.72 15.83 10.50
N ILE A 183 6.53 14.80 9.68
CA ILE A 183 5.56 14.86 8.61
C ILE A 183 4.14 14.51 9.07
N LEU A 184 4.00 13.67 10.09
CA LEU A 184 2.70 13.09 10.42
C LEU A 184 1.62 14.12 10.73
N PRO A 185 1.86 15.17 11.53
CA PRO A 185 0.77 16.14 11.78
C PRO A 185 0.19 16.73 10.50
N THR A 186 1.03 17.02 9.51
CA THR A 186 0.52 17.50 8.23
C THR A 186 -0.26 16.40 7.50
N LEU A 187 0.25 15.17 7.55
CA LEU A 187 -0.48 14.04 7.00
C LEU A 187 -1.88 13.93 7.61
N VAL A 188 -1.95 14.02 8.94
CA VAL A 188 -3.23 13.92 9.64
C VAL A 188 -4.20 15.00 9.13
N ARG A 189 -3.70 16.21 8.91
CA ARG A 189 -4.56 17.27 8.40
C ARG A 189 -5.02 16.97 6.98
N LEU A 190 -4.11 16.53 6.12
CA LEU A 190 -4.48 16.20 4.74
C LEU A 190 -5.48 15.05 4.70
N LEU A 191 -5.43 14.15 5.67
CA LEU A 191 -6.38 13.04 5.74
C LEU A 191 -7.81 13.52 5.93
N HIS A 192 -8.00 14.77 6.35
CA HIS A 192 -9.32 15.33 6.58
C HIS A 192 -9.76 16.29 5.48
N HIS A 193 -8.97 16.43 4.42
CA HIS A 193 -9.31 17.30 3.31
C HIS A 193 -10.34 16.63 2.39
N ASN A 194 -11.05 17.45 1.62
CA ASN A 194 -12.18 16.97 0.84
C ASN A 194 -11.82 16.57 -0.59
N ASP A 195 -10.55 16.72 -1.00
CA ASP A 195 -10.24 16.31 -2.37
C ASP A 195 -9.91 14.82 -2.41
N PRO A 196 -10.58 14.04 -3.25
CA PRO A 196 -10.36 12.58 -3.25
C PRO A 196 -8.96 12.17 -3.66
N GLU A 197 -8.30 12.94 -4.53
CA GLU A 197 -6.91 12.64 -4.88
C GLU A 197 -5.99 12.87 -3.68
N VAL A 198 -6.22 13.96 -2.94
CA VAL A 198 -5.47 14.20 -1.72
C VAL A 198 -5.73 13.09 -0.71
N LEU A 199 -6.99 12.66 -0.58
CA LEU A 199 -7.34 11.61 0.37
C LEU A 199 -6.65 10.30 0.02
N ALA A 200 -6.69 9.92 -1.25
CA ALA A 200 -6.07 8.66 -1.68
C ALA A 200 -4.58 8.65 -1.40
N ASP A 201 -3.87 9.72 -1.80
CA ASP A 201 -2.44 9.78 -1.56
C ASP A 201 -2.10 9.97 -0.09
N SER A 202 -2.99 10.62 0.66
CA SER A 202 -2.80 10.71 2.11
C SER A 202 -2.90 9.34 2.76
N CYS A 203 -3.85 8.52 2.30
CA CYS A 203 -3.99 7.17 2.83
C CYS A 203 -2.84 6.27 2.39
N TRP A 204 -2.41 6.41 1.12
CA TRP A 204 -1.22 5.73 0.67
C TRP A 204 -0.03 6.03 1.57
N ALA A 205 0.12 7.30 1.96
CA ALA A 205 1.20 7.68 2.87
C ALA A 205 1.06 6.97 4.21
N ILE A 206 -0.13 7.03 4.81
CA ILE A 206 -0.38 6.29 6.04
C ILE A 206 -0.20 4.80 5.80
N SER A 207 -0.60 4.32 4.62
CA SER A 207 -0.41 2.92 4.28
C SER A 207 1.07 2.53 4.34
N TYR A 208 1.96 3.40 3.86
CA TYR A 208 3.39 3.12 3.92
C TYR A 208 3.89 3.10 5.36
N LEU A 209 3.47 4.08 6.16
CA LEU A 209 4.01 4.22 7.51
C LEU A 209 3.61 3.06 8.41
N THR A 210 2.42 2.51 8.22
CA THR A 210 1.94 1.40 9.03
C THR A 210 2.46 0.05 8.57
N ASP A 211 3.27 0.01 7.51
CA ASP A 211 3.82 -1.24 6.98
C ASP A 211 5.21 -1.45 7.58
N GLY A 212 5.23 -2.00 8.79
CA GLY A 212 6.47 -2.26 9.49
C GLY A 212 6.24 -2.82 10.88
N PRO A 213 7.27 -2.75 11.72
CA PRO A 213 7.13 -3.22 13.10
C PRO A 213 6.10 -2.40 13.87
N ASN A 214 5.68 -2.95 15.02
CA ASN A 214 4.56 -2.38 15.76
C ASN A 214 4.82 -0.96 16.23
N GLU A 215 6.10 -0.60 16.43
CA GLU A 215 6.42 0.75 16.88
C GLU A 215 6.07 1.78 15.82
N ARG A 216 6.29 1.44 14.55
CA ARG A 216 5.87 2.32 13.47
C ARG A 216 4.35 2.44 13.42
N ILE A 217 3.65 1.32 13.60
CA ILE A 217 2.18 1.36 13.66
C ILE A 217 1.73 2.28 14.78
N GLU A 218 2.42 2.25 15.92
CA GLU A 218 1.99 3.04 17.07
C GLU A 218 2.11 4.53 16.80
N MET A 219 3.19 4.96 16.13
CA MET A 219 3.35 6.37 15.81
C MET A 219 2.15 6.91 15.05
N VAL A 220 1.56 6.08 14.19
CA VAL A 220 0.38 6.48 13.43
C VAL A 220 -0.88 6.35 14.27
N VAL A 221 -1.06 5.19 14.91
CA VAL A 221 -2.25 4.95 15.72
C VAL A 221 -2.36 5.98 16.83
N LYS A 222 -1.23 6.39 17.41
CA LYS A 222 -1.24 7.37 18.49
C LYS A 222 -1.71 8.74 18.03
N LYS A 223 -1.63 9.03 16.72
CA LYS A 223 -2.10 10.31 16.20
C LYS A 223 -3.61 10.36 16.04
N GLY A 224 -4.31 9.25 16.27
CA GLY A 224 -5.76 9.22 16.26
C GLY A 224 -6.41 9.06 14.91
N VAL A 225 -5.65 8.71 13.87
CA VAL A 225 -6.19 8.66 12.52
C VAL A 225 -7.07 7.45 12.25
N VAL A 226 -7.18 6.52 13.21
CA VAL A 226 -7.90 5.26 12.94
C VAL A 226 -9.37 5.49 12.60
N PRO A 227 -10.15 6.27 13.38
CA PRO A 227 -11.55 6.48 12.98
C PRO A 227 -11.69 7.10 11.60
N GLN A 228 -10.85 8.08 11.26
CA GLN A 228 -10.91 8.68 9.93
C GLN A 228 -10.59 7.66 8.85
N LEU A 229 -9.66 6.74 9.13
CA LEU A 229 -9.36 5.67 8.17
C LEU A 229 -10.57 4.76 7.98
N VAL A 230 -11.29 4.45 9.06
CA VAL A 230 -12.47 3.61 8.94
C VAL A 230 -13.58 4.33 8.17
N LYS A 231 -13.66 5.65 8.31
CA LYS A 231 -14.65 6.41 7.53
C LYS A 231 -14.31 6.37 6.04
N LEU A 232 -13.05 6.61 5.69
CA LEU A 232 -12.63 6.52 4.30
C LEU A 232 -12.75 5.10 3.77
N LEU A 233 -12.83 4.11 4.66
CA LEU A 233 -13.02 2.72 4.22
C LEU A 233 -14.35 2.54 3.50
N GLY A 234 -15.35 3.34 3.86
CA GLY A 234 -16.65 3.24 3.22
C GLY A 234 -16.83 4.25 2.10
N ALA A 235 -15.73 4.80 1.60
CA ALA A 235 -15.80 5.79 0.54
C ALA A 235 -16.30 5.15 -0.75
N THR A 236 -16.89 5.99 -1.61
CA THR A 236 -17.35 5.50 -2.90
C THR A 236 -16.19 5.30 -3.87
N GLU A 237 -15.27 6.27 -3.91
CA GLU A 237 -14.15 6.26 -4.85
C GLU A 237 -13.20 5.11 -4.50
N LEU A 238 -13.10 4.13 -5.39
CA LEU A 238 -12.17 3.02 -5.18
C LEU A 238 -10.73 3.45 -4.98
N PRO A 239 -10.20 4.49 -5.66
CA PRO A 239 -8.84 4.93 -5.35
C PRO A 239 -8.62 5.35 -3.91
N ILE A 240 -9.68 5.61 -3.15
CA ILE A 240 -9.54 5.91 -1.73
C ILE A 240 -9.65 4.65 -0.88
N VAL A 241 -10.57 3.74 -1.25
CA VAL A 241 -10.81 2.54 -0.45
C VAL A 241 -9.57 1.65 -0.42
N THR A 242 -8.91 1.47 -1.57
CA THR A 242 -7.76 0.57 -1.65
C THR A 242 -6.66 0.93 -0.67
N PRO A 243 -6.11 2.16 -0.65
CA PRO A 243 -5.05 2.45 0.32
C PRO A 243 -5.55 2.55 1.75
N ALA A 244 -6.81 2.97 1.94
CA ALA A 244 -7.37 2.97 3.29
C ALA A 244 -7.48 1.55 3.84
N LEU A 245 -7.80 0.59 2.97
CA LEU A 245 -7.90 -0.80 3.41
C LEU A 245 -6.52 -1.37 3.73
N ARG A 246 -5.51 -1.04 2.91
CA ARG A 246 -4.16 -1.51 3.19
C ARG A 246 -3.66 -0.98 4.53
N ALA A 247 -4.01 0.26 4.86
CA ALA A 247 -3.58 0.84 6.13
C ALA A 247 -4.26 0.16 7.30
N ILE A 248 -5.59 0.00 7.22
CA ILE A 248 -6.32 -0.70 8.28
C ILE A 248 -5.81 -2.12 8.43
N GLY A 249 -5.53 -2.79 7.30
CA GLY A 249 -5.00 -4.14 7.37
C GLY A 249 -3.59 -4.17 7.94
N ASN A 250 -2.80 -3.15 7.64
CA ASN A 250 -1.46 -3.04 8.23
C ASN A 250 -1.55 -2.91 9.74
N ILE A 251 -2.49 -2.09 10.22
CA ILE A 251 -2.58 -1.80 11.65
C ILE A 251 -2.94 -3.05 12.45
N VAL A 252 -3.76 -3.94 11.88
CA VAL A 252 -4.21 -5.12 12.61
C VAL A 252 -3.17 -6.24 12.51
N THR A 253 -2.02 -5.94 11.92
CA THR A 253 -0.88 -6.85 12.02
C THR A 253 -0.08 -6.61 13.30
N GLY A 254 -0.42 -5.58 14.07
CA GLY A 254 0.31 -5.22 15.28
C GLY A 254 -0.22 -5.91 16.51
N THR A 255 -0.17 -5.19 17.63
CA THR A 255 -0.60 -5.74 18.90
C THR A 255 -2.12 -5.82 18.97
N ASP A 256 -2.61 -6.67 19.88
CA ASP A 256 -4.06 -6.81 20.07
C ASP A 256 -4.69 -5.46 20.43
N GLU A 257 -3.97 -4.64 21.19
CA GLU A 257 -4.48 -3.32 21.55
C GLU A 257 -4.62 -2.43 20.32
N GLN A 258 -3.65 -2.49 19.41
CA GLN A 258 -3.74 -1.72 18.17
C GLN A 258 -4.86 -2.24 17.29
N THR A 259 -5.03 -3.56 17.24
CA THR A 259 -6.15 -4.14 16.50
C THR A 259 -7.48 -3.71 17.10
N GLN A 260 -7.55 -3.63 18.43
CA GLN A 260 -8.79 -3.29 19.10
C GLN A 260 -9.26 -1.88 18.73
N LYS A 261 -8.32 -0.95 18.57
CA LYS A 261 -8.70 0.40 18.16
C LYS A 261 -9.35 0.42 16.79
N VAL A 262 -8.98 -0.52 15.93
CA VAL A 262 -9.61 -0.63 14.62
C VAL A 262 -11.04 -1.14 14.76
N ILE A 263 -11.24 -2.15 15.60
CA ILE A 263 -12.58 -2.64 15.88
C ILE A 263 -13.41 -1.55 16.55
N ASP A 264 -12.82 -0.86 17.52
CA ASP A 264 -13.53 0.19 18.24
C ASP A 264 -14.01 1.29 17.31
N ALA A 265 -13.27 1.58 16.24
CA ALA A 265 -13.66 2.61 15.29
C ALA A 265 -14.81 2.17 14.39
N GLY A 266 -15.27 0.93 14.50
CA GLY A 266 -16.37 0.45 13.70
C GLY A 266 -15.99 -0.14 12.35
N ALA A 267 -14.76 -0.63 12.22
CA ALA A 267 -14.30 -1.12 10.92
C ALA A 267 -15.08 -2.35 10.47
N LEU A 268 -15.39 -3.25 11.40
CA LEU A 268 -16.04 -4.50 11.04
C LEU A 268 -17.39 -4.30 10.37
N ALA A 269 -18.03 -3.15 10.58
CA ALA A 269 -19.33 -2.90 9.95
C ALA A 269 -19.23 -2.78 8.44
N VAL A 270 -18.08 -2.31 7.93
CA VAL A 270 -17.90 -2.15 6.48
C VAL A 270 -17.51 -3.45 5.79
N PHE A 271 -17.22 -4.51 6.53
CA PHE A 271 -16.66 -5.71 5.93
C PHE A 271 -17.67 -6.56 5.15
N PRO A 272 -18.98 -6.56 5.48
CA PRO A 272 -19.92 -7.23 4.57
C PRO A 272 -19.79 -6.77 3.13
N SER A 273 -19.56 -5.47 2.92
CA SER A 273 -19.31 -4.97 1.57
C SER A 273 -17.93 -5.39 1.08
N LEU A 274 -16.90 -5.20 1.91
CA LEU A 274 -15.53 -5.50 1.49
C LEU A 274 -15.36 -6.97 1.13
N LEU A 275 -15.97 -7.86 1.92
CA LEU A 275 -15.83 -9.30 1.67
C LEU A 275 -16.63 -9.78 0.47
N THR A 276 -17.49 -8.93 -0.11
CA THR A 276 -18.18 -9.25 -1.35
C THR A 276 -17.85 -8.27 -2.47
N ASN A 277 -16.82 -7.45 -2.29
CA ASN A 277 -16.51 -6.38 -3.22
C ASN A 277 -16.18 -6.94 -4.59
N PRO A 278 -16.62 -6.26 -5.67
CA PRO A 278 -16.36 -6.81 -7.01
C PRO A 278 -14.90 -6.84 -7.40
N LYS A 279 -14.11 -5.84 -7.00
CA LYS A 279 -12.70 -5.84 -7.34
C LYS A 279 -11.98 -6.91 -6.52
N THR A 280 -11.36 -7.87 -7.23
CA THR A 280 -10.75 -9.03 -6.61
C THR A 280 -9.71 -8.68 -5.55
N ASN A 281 -8.96 -7.59 -5.74
CA ASN A 281 -7.92 -7.21 -4.79
C ASN A 281 -8.50 -6.70 -3.47
N ILE A 282 -9.66 -6.03 -3.51
CA ILE A 282 -10.29 -5.61 -2.25
C ILE A 282 -10.67 -6.83 -1.43
N GLN A 283 -11.22 -7.85 -2.07
CA GLN A 283 -11.61 -9.07 -1.37
C GLN A 283 -10.40 -9.77 -0.76
N LYS A 284 -9.28 -9.79 -1.49
CA LYS A 284 -8.07 -10.42 -0.95
C LYS A 284 -7.56 -9.65 0.27
N GLU A 285 -7.47 -8.33 0.16
CA GLU A 285 -7.00 -7.52 1.28
C GLU A 285 -7.95 -7.61 2.47
N ALA A 286 -9.26 -7.59 2.20
CA ALA A 286 -10.23 -7.62 3.29
C ALA A 286 -10.21 -8.95 4.02
N THR A 287 -10.05 -10.06 3.29
CA THR A 287 -10.03 -11.37 3.94
C THR A 287 -8.73 -11.59 4.69
N TRP A 288 -7.61 -11.12 4.13
CA TRP A 288 -6.34 -11.15 4.87
C TRP A 288 -6.46 -10.39 6.18
N THR A 289 -7.08 -9.21 6.14
CA THR A 289 -7.32 -8.46 7.37
C THR A 289 -8.19 -9.25 8.34
N MET A 290 -9.25 -9.88 7.83
CA MET A 290 -10.09 -10.71 8.68
C MET A 290 -9.30 -11.87 9.29
N SER A 291 -8.37 -12.44 8.52
CA SER A 291 -7.55 -13.53 9.04
C SER A 291 -6.71 -13.07 10.21
N ASN A 292 -6.21 -11.83 10.17
CA ASN A 292 -5.42 -11.32 11.28
C ASN A 292 -6.27 -10.86 12.46
N ILE A 293 -7.55 -10.57 12.23
CA ILE A 293 -8.44 -10.28 13.35
C ILE A 293 -8.81 -11.56 14.08
N THR A 294 -9.09 -12.64 13.34
CA THR A 294 -9.37 -13.93 13.98
C THR A 294 -8.14 -14.55 14.62
N ALA A 295 -6.95 -13.99 14.37
CA ALA A 295 -5.75 -14.40 15.10
C ALA A 295 -5.61 -13.66 16.42
N GLY A 296 -6.58 -12.83 16.80
CA GLY A 296 -6.52 -12.05 18.01
C GLY A 296 -7.20 -12.73 19.18
N ARG A 297 -7.63 -11.91 20.14
CA ARG A 297 -8.24 -12.41 21.36
C ARG A 297 -9.59 -13.06 21.07
N GLN A 298 -10.10 -13.76 22.08
CA GLN A 298 -11.42 -14.38 21.97
C GLN A 298 -12.52 -13.33 21.92
N ASP A 299 -12.38 -12.26 22.72
CA ASP A 299 -13.37 -11.19 22.66
C ASP A 299 -13.34 -10.47 21.32
N GLN A 300 -12.19 -10.45 20.64
CA GLN A 300 -12.13 -9.90 19.30
C GLN A 300 -12.75 -10.84 18.29
N ILE A 301 -12.47 -12.14 18.41
CA ILE A 301 -13.17 -13.15 17.60
C ILE A 301 -14.67 -13.02 17.78
N GLN A 302 -15.10 -12.78 19.02
CA GLN A 302 -16.53 -12.62 19.29
C GLN A 302 -17.12 -11.43 18.56
N GLN A 303 -16.33 -10.36 18.37
CA GLN A 303 -16.83 -9.21 17.62
C GLN A 303 -17.04 -9.56 16.15
N VAL A 304 -16.18 -10.40 15.59
CA VAL A 304 -16.40 -10.92 14.25
C VAL A 304 -17.73 -11.66 14.18
N VAL A 305 -18.03 -12.45 15.21
CA VAL A 305 -19.29 -13.20 15.24
C VAL A 305 -20.47 -12.25 15.34
N ASN A 306 -20.40 -11.26 16.24
CA ASN A 306 -21.51 -10.34 16.44
C ASN A 306 -21.83 -9.55 15.18
N HIS A 307 -20.82 -9.22 14.39
CA HIS A 307 -21.01 -8.47 13.15
C HIS A 307 -21.46 -9.33 11.98
N GLY A 308 -21.81 -10.60 12.24
CA GLY A 308 -22.29 -11.47 11.18
C GLY A 308 -21.30 -11.74 10.09
N LEU A 309 -20.00 -11.76 10.42
CA LEU A 309 -18.96 -11.90 9.42
C LEU A 309 -18.57 -13.35 9.15
N VAL A 310 -18.92 -14.28 10.04
CA VAL A 310 -18.63 -15.69 9.78
C VAL A 310 -19.37 -16.20 8.55
N PRO A 311 -20.66 -15.89 8.33
CA PRO A 311 -21.27 -16.26 7.05
C PRO A 311 -20.53 -15.70 5.84
N PHE A 312 -19.96 -14.50 5.95
CA PHE A 312 -19.21 -13.94 4.84
C PHE A 312 -17.89 -14.67 4.63
N LEU A 313 -17.31 -15.23 5.70
CA LEU A 313 -16.13 -16.05 5.54
C LEU A 313 -16.48 -17.39 4.90
N VAL A 314 -17.62 -17.98 5.27
CA VAL A 314 -18.13 -19.14 4.55
C VAL A 314 -18.31 -18.83 3.08
N GLY A 315 -18.77 -17.61 2.79
CA GLY A 315 -18.92 -17.15 1.42
C GLY A 315 -17.62 -17.13 0.63
N VAL A 316 -16.60 -16.44 1.13
CA VAL A 316 -15.35 -16.34 0.39
C VAL A 316 -14.66 -17.70 0.29
N LEU A 317 -14.84 -18.56 1.30
CA LEU A 317 -14.25 -19.88 1.23
C LEU A 317 -14.96 -20.75 0.18
N SER A 318 -16.22 -20.46 -0.10
CA SER A 318 -16.99 -21.25 -1.05
C SER A 318 -16.78 -20.79 -2.49
N LYS A 319 -16.68 -19.49 -2.72
CA LYS A 319 -16.47 -18.96 -4.06
C LYS A 319 -15.72 -17.64 -3.96
N ALA A 320 -14.54 -17.59 -4.57
CA ALA A 320 -13.71 -16.39 -4.64
C ALA A 320 -12.47 -16.73 -5.45
N ASP A 321 -11.73 -15.68 -5.81
CA ASP A 321 -10.36 -15.83 -6.29
C ASP A 321 -9.59 -16.76 -5.35
N PHE A 322 -8.71 -17.58 -5.92
CA PHE A 322 -8.04 -18.59 -5.11
C PHE A 322 -7.21 -17.97 -4.00
N LYS A 323 -6.44 -16.92 -4.32
CA LYS A 323 -5.65 -16.25 -3.30
C LYS A 323 -6.53 -15.69 -2.20
N THR A 324 -7.76 -15.26 -2.54
CA THR A 324 -8.70 -14.85 -1.51
C THR A 324 -9.16 -16.04 -0.68
N GLN A 325 -9.41 -17.18 -1.33
CA GLN A 325 -9.82 -18.38 -0.60
C GLN A 325 -8.74 -18.84 0.38
N LYS A 326 -7.47 -18.69 0.02
CA LYS A 326 -6.40 -19.09 0.93
C LYS A 326 -6.36 -18.20 2.16
N GLU A 327 -6.60 -16.90 1.98
CA GLU A 327 -6.72 -16.02 3.14
C GLU A 327 -7.95 -16.37 3.97
N ALA A 328 -9.01 -16.87 3.33
CA ALA A 328 -10.18 -17.32 4.08
C ALA A 328 -9.84 -18.57 4.89
N ALA A 329 -9.07 -19.49 4.31
CA ALA A 329 -8.61 -20.65 5.06
C ALA A 329 -7.82 -20.22 6.29
N TRP A 330 -6.92 -19.24 6.12
CA TRP A 330 -6.17 -18.71 7.25
C TRP A 330 -7.09 -18.10 8.29
N ALA A 331 -8.13 -17.37 7.84
CA ALA A 331 -9.08 -16.80 8.77
C ALA A 331 -9.76 -17.88 9.60
N ILE A 332 -10.09 -19.02 8.98
CA ILE A 332 -10.74 -20.10 9.71
C ILE A 332 -9.77 -20.76 10.68
N THR A 333 -8.54 -21.02 10.24
CA THR A 333 -7.58 -21.72 11.11
C THR A 333 -7.18 -20.87 12.30
N ASN A 334 -6.91 -19.57 12.07
CA ASN A 334 -6.65 -18.67 13.19
C ASN A 334 -7.84 -18.60 14.13
N TYR A 335 -9.05 -18.58 13.57
CA TYR A 335 -10.27 -18.62 14.36
C TYR A 335 -10.29 -19.85 15.26
N THR A 336 -10.07 -21.03 14.69
CA THR A 336 -10.11 -22.27 15.46
C THR A 336 -8.92 -22.46 16.38
N SER A 337 -7.86 -21.66 16.21
CA SER A 337 -6.69 -21.77 17.07
C SER A 337 -6.82 -20.96 18.35
N GLY A 338 -7.61 -19.88 18.33
CA GLY A 338 -7.73 -19.03 19.50
C GLY A 338 -9.15 -18.86 19.99
N GLY A 339 -10.11 -19.48 19.29
CA GLY A 339 -11.50 -19.35 19.68
C GLY A 339 -11.91 -20.36 20.75
N THR A 340 -13.05 -20.07 21.38
CA THR A 340 -13.62 -20.97 22.37
C THR A 340 -14.31 -22.14 21.67
N VAL A 341 -14.79 -23.08 22.46
CA VAL A 341 -15.50 -24.23 21.89
C VAL A 341 -16.85 -23.79 21.33
N GLU A 342 -17.55 -22.89 22.02
CA GLU A 342 -18.82 -22.40 21.51
C GLU A 342 -18.64 -21.62 20.22
N GLN A 343 -17.54 -20.86 20.10
CA GLN A 343 -17.27 -20.13 18.86
C GLN A 343 -16.93 -21.08 17.72
N ILE A 344 -16.17 -22.14 18.02
CA ILE A 344 -15.82 -23.11 16.99
C ILE A 344 -17.04 -23.90 16.56
N VAL A 345 -17.97 -24.16 17.49
CA VAL A 345 -19.21 -24.86 17.14
C VAL A 345 -20.09 -23.97 16.28
N TYR A 346 -20.14 -22.67 16.59
CA TYR A 346 -20.86 -21.73 15.74
C TYR A 346 -20.31 -21.71 14.32
N LEU A 347 -19.00 -21.90 14.18
CA LEU A 347 -18.39 -21.97 12.86
C LEU A 347 -18.99 -23.11 12.04
N VAL A 348 -19.15 -24.28 12.66
CA VAL A 348 -19.72 -25.44 11.96
C VAL A 348 -21.14 -25.14 11.51
N HIS A 349 -21.91 -24.44 12.34
CA HIS A 349 -23.34 -24.31 12.10
C HIS A 349 -23.66 -23.32 10.97
N CYS A 350 -22.74 -22.42 10.64
CA CYS A 350 -22.91 -21.62 9.43
C CYS A 350 -22.39 -22.33 8.18
N GLY A 351 -21.85 -23.53 8.33
CA GLY A 351 -21.50 -24.37 7.19
C GLY A 351 -20.07 -24.23 6.72
N ILE A 352 -19.12 -24.08 7.65
CA ILE A 352 -17.73 -23.98 7.25
C ILE A 352 -17.18 -25.29 6.69
N ILE A 353 -17.81 -26.43 7.04
CA ILE A 353 -17.16 -27.73 6.85
C ILE A 353 -17.07 -28.08 5.37
N GLU A 354 -18.18 -27.92 4.62
CA GLU A 354 -18.17 -28.37 3.23
C GLU A 354 -17.26 -27.52 2.35
N PRO A 355 -17.36 -26.18 2.33
CA PRO A 355 -16.39 -25.41 1.53
C PRO A 355 -14.96 -25.59 2.00
N LEU A 356 -14.76 -25.99 3.26
CA LEU A 356 -13.42 -26.32 3.74
C LEU A 356 -12.88 -27.58 3.06
N MET A 357 -13.73 -28.60 2.90
CA MET A 357 -13.29 -29.87 2.34
C MET A 357 -13.13 -29.80 0.83
N ASN A 358 -13.94 -28.99 0.14
CA ASN A 358 -13.79 -28.83 -1.29
C ASN A 358 -12.45 -28.19 -1.64
N LEU A 359 -11.87 -27.43 -0.71
CA LEU A 359 -10.58 -26.78 -0.94
C LEU A 359 -9.40 -27.70 -0.69
N LEU A 360 -9.62 -28.87 -0.07
CA LEU A 360 -8.57 -29.87 -0.02
C LEU A 360 -8.20 -30.40 -1.40
N SER A 361 -8.98 -30.04 -2.42
CA SER A 361 -8.75 -30.45 -3.80
C SER A 361 -7.69 -29.59 -4.50
N ALA A 362 -7.13 -28.60 -3.82
CA ALA A 362 -6.15 -27.72 -4.45
C ALA A 362 -4.76 -28.34 -4.42
N LYS A 363 -3.92 -27.91 -5.37
CA LYS A 363 -2.54 -28.37 -5.43
C LYS A 363 -1.67 -27.65 -4.42
N ASP A 364 -2.03 -26.41 -4.06
CA ASP A 364 -1.26 -25.61 -3.12
C ASP A 364 -1.00 -26.39 -1.83
N THR A 365 0.27 -26.73 -1.58
CA THR A 365 0.59 -27.58 -0.44
C THR A 365 0.37 -26.86 0.89
N LYS A 366 0.66 -25.56 0.95
CA LYS A 366 0.53 -24.84 2.21
C LYS A 366 -0.93 -24.68 2.62
N ILE A 367 -1.85 -24.53 1.67
CA ILE A 367 -3.26 -24.39 2.05
C ILE A 367 -3.80 -25.70 2.61
N ILE A 368 -3.21 -26.83 2.23
CA ILE A 368 -3.67 -28.12 2.75
C ILE A 368 -3.29 -28.25 4.23
N GLN A 369 -2.09 -27.81 4.59
CA GLN A 369 -1.70 -27.81 5.99
C GLN A 369 -2.62 -26.92 6.82
N VAL A 370 -2.98 -25.75 6.28
CA VAL A 370 -3.87 -24.83 7.00
C VAL A 370 -5.23 -25.47 7.23
N ILE A 371 -5.79 -26.09 6.19
CA ILE A 371 -7.12 -26.68 6.30
C ILE A 371 -7.10 -27.89 7.23
N LEU A 372 -6.13 -28.79 7.01
CA LEU A 372 -5.99 -29.95 7.89
C LEU A 372 -5.80 -29.51 9.35
N ASP A 373 -5.05 -28.43 9.56
CA ASP A 373 -4.88 -27.88 10.91
C ASP A 373 -6.22 -27.41 11.47
N ALA A 374 -7.03 -26.73 10.65
CA ALA A 374 -8.34 -26.28 11.11
C ALA A 374 -9.24 -27.47 11.44
N ILE A 375 -9.26 -28.47 10.57
CA ILE A 375 -10.08 -29.65 10.80
C ILE A 375 -9.70 -30.31 12.13
N SER A 376 -8.40 -30.42 12.40
CA SER A 376 -7.96 -30.99 13.66
C SER A 376 -8.44 -30.16 14.84
N ASN A 377 -8.33 -28.83 14.73
CA ASN A 377 -8.73 -27.96 15.83
C ASN A 377 -10.24 -28.06 16.08
N ILE A 378 -11.03 -28.17 15.00
CA ILE A 378 -12.47 -28.36 15.17
C ILE A 378 -12.76 -29.70 15.84
N PHE A 379 -12.06 -30.75 15.39
CA PHE A 379 -12.24 -32.07 16.02
C PHE A 379 -11.87 -32.02 17.50
N GLN A 380 -10.83 -31.26 17.85
CA GLN A 380 -10.44 -31.13 19.24
C GLN A 380 -11.55 -30.52 20.07
N ALA A 381 -12.25 -29.52 19.51
CA ALA A 381 -13.41 -28.97 20.19
C ALA A 381 -14.57 -29.97 20.20
N ALA A 382 -14.61 -30.88 19.22
CA ALA A 382 -15.70 -31.85 19.16
C ALA A 382 -15.60 -32.88 20.28
N GLU A 383 -14.38 -33.22 20.72
CA GLU A 383 -14.23 -34.18 21.81
C GLU A 383 -14.61 -33.54 23.14
N LYS A 384 -14.20 -32.30 23.38
CA LYS A 384 -14.62 -31.60 24.58
C LYS A 384 -16.13 -31.51 24.69
N LEU A 385 -16.83 -31.54 23.57
CA LEU A 385 -18.28 -31.66 23.56
C LEU A 385 -18.76 -33.09 23.36
N GLY A 386 -17.85 -34.05 23.23
CA GLY A 386 -18.21 -35.44 23.03
C GLY A 386 -19.01 -35.71 21.78
N GLU A 387 -18.75 -34.97 20.71
CA GLU A 387 -19.54 -35.07 19.49
C GLU A 387 -18.66 -35.26 18.26
N THR A 388 -17.56 -35.99 18.42
CA THR A 388 -16.62 -36.18 17.33
C THR A 388 -17.21 -36.99 16.18
N GLU A 389 -18.07 -37.95 16.48
CA GLU A 389 -18.63 -38.80 15.43
C GLU A 389 -19.52 -38.01 14.50
N LYS A 390 -20.44 -37.22 15.06
CA LYS A 390 -21.35 -36.41 14.25
C LYS A 390 -20.58 -35.48 13.31
N LEU A 391 -19.37 -35.08 13.69
CA LEU A 391 -18.52 -34.34 12.77
C LEU A 391 -17.96 -35.24 11.69
N SER A 392 -17.57 -36.47 12.05
CA SER A 392 -17.06 -37.42 11.06
C SER A 392 -18.13 -37.78 10.05
N ILE A 393 -19.36 -38.04 10.51
CA ILE A 393 -20.47 -38.30 9.59
C ILE A 393 -20.68 -37.10 8.68
N MET A 394 -20.51 -35.89 9.22
CA MET A 394 -20.64 -34.68 8.41
C MET A 394 -19.56 -34.62 7.34
N ILE A 395 -18.31 -34.85 7.73
CA ILE A 395 -17.19 -34.76 6.79
C ILE A 395 -17.28 -35.85 5.72
N GLU A 396 -17.86 -37.00 6.05
CA GLU A 396 -17.96 -38.09 5.09
C GLU A 396 -19.08 -37.83 4.07
N GLU A 397 -20.17 -37.19 4.48
CA GLU A 397 -21.30 -36.98 3.58
C GLU A 397 -21.00 -35.95 2.50
N CYS A 398 -20.00 -35.10 2.70
CA CYS A 398 -19.57 -34.14 1.68
C CYS A 398 -18.29 -34.57 0.99
N GLY A 399 -17.93 -35.85 1.11
CA GLY A 399 -16.72 -36.34 0.47
C GLY A 399 -15.43 -35.85 1.07
N GLY A 400 -15.47 -35.33 2.30
CA GLY A 400 -14.24 -34.88 2.93
C GLY A 400 -13.34 -36.03 3.33
N LEU A 401 -13.90 -37.02 4.05
CA LEU A 401 -13.13 -38.21 4.38
C LEU A 401 -12.60 -38.88 3.11
N ASP A 402 -13.38 -38.85 2.03
CA ASP A 402 -12.90 -39.34 0.74
C ASP A 402 -11.59 -38.68 0.36
N LYS A 403 -11.44 -37.39 0.67
CA LYS A 403 -10.23 -36.65 0.31
C LYS A 403 -9.17 -36.68 1.40
N ILE A 404 -9.57 -36.80 2.66
CA ILE A 404 -8.61 -36.71 3.75
C ILE A 404 -7.61 -37.86 3.70
N GLU A 405 -8.08 -39.08 3.43
CA GLU A 405 -7.17 -40.21 3.35
C GLU A 405 -6.53 -40.36 1.98
N ALA A 406 -7.11 -39.75 0.94
CA ALA A 406 -6.44 -39.70 -0.35
C ALA A 406 -5.15 -38.88 -0.27
N LEU A 407 -5.09 -37.91 0.64
CA LEU A 407 -3.93 -37.04 0.74
C LEU A 407 -2.77 -37.66 1.50
N GLN A 408 -2.94 -38.88 2.05
CA GLN A 408 -1.81 -39.56 2.65
C GLN A 408 -0.74 -39.93 1.63
N ARG A 409 -1.11 -40.02 0.35
CA ARG A 409 -0.16 -40.22 -0.74
C ARG A 409 0.35 -38.89 -1.31
N HIS A 410 0.29 -37.81 -0.51
CA HIS A 410 0.99 -36.57 -0.85
C HIS A 410 2.41 -36.66 -0.31
N GLU A 411 3.38 -36.19 -1.08
CA GLU A 411 4.78 -36.42 -0.74
C GLU A 411 5.52 -35.17 -0.27
N ASN A 412 4.82 -34.08 0.02
CA ASN A 412 5.17 -33.34 1.22
C ASN A 412 4.74 -34.25 2.35
N GLU A 413 5.48 -34.27 3.43
CA GLU A 413 5.21 -35.36 4.35
C GLU A 413 4.90 -34.87 5.76
N SER A 414 4.15 -33.79 5.83
CA SER A 414 3.28 -33.50 6.97
C SER A 414 1.81 -33.56 6.59
N VAL A 415 1.45 -33.15 5.37
CA VAL A 415 0.18 -33.59 4.78
C VAL A 415 0.10 -35.11 4.78
N TYR A 416 1.26 -35.76 4.66
CA TYR A 416 1.40 -37.21 4.80
C TYR A 416 0.83 -37.72 6.13
N LYS A 417 1.23 -37.10 7.24
CA LYS A 417 0.92 -37.61 8.57
C LYS A 417 -0.24 -36.90 9.25
N ALA A 418 -0.32 -35.58 9.17
CA ALA A 418 -1.45 -34.87 9.77
C ALA A 418 -2.77 -35.44 9.28
N SER A 419 -2.82 -35.83 8.01
CA SER A 419 -3.99 -36.54 7.51
C SER A 419 -4.14 -37.90 8.15
N LEU A 420 -3.09 -38.74 8.08
CA LEU A 420 -3.20 -40.12 8.56
C LEU A 420 -3.59 -40.18 10.03
N ASN A 421 -3.14 -39.21 10.83
CA ASN A 421 -3.66 -39.08 12.19
C ASN A 421 -5.16 -38.81 12.17
N LEU A 422 -5.58 -37.84 11.35
CA LEU A 422 -6.99 -37.46 11.28
C LEU A 422 -7.88 -38.68 11.03
N ILE A 423 -7.39 -39.63 10.23
CA ILE A 423 -8.22 -40.78 9.87
C ILE A 423 -8.25 -41.81 10.98
N GLU A 424 -7.08 -42.22 11.47
CA GLU A 424 -7.05 -43.31 12.45
C GLU A 424 -7.42 -42.88 13.86
N LYS A 425 -7.74 -41.60 14.08
CA LYS A 425 -8.30 -41.16 15.35
C LYS A 425 -9.79 -40.86 15.28
N TYR A 426 -10.30 -40.45 14.12
CA TYR A 426 -11.70 -40.08 13.98
C TYR A 426 -12.45 -40.87 12.91
N PHE A 427 -11.77 -41.74 12.14
CA PHE A 427 -12.40 -42.52 11.09
C PHE A 427 -11.89 -43.96 11.15
N SER A 428 -12.32 -44.68 12.18
CA SER A 428 -11.91 -46.07 12.36
C SER A 428 -12.93 -46.83 13.20
N SER B 2 2.84 -8.43 21.27
CA SER B 2 3.20 -9.05 20.00
C SER B 2 2.49 -10.40 19.84
N ASN B 3 1.79 -10.56 18.72
CA ASN B 3 0.99 -11.75 18.45
C ASN B 3 1.66 -12.60 17.38
N PRO B 4 1.98 -13.86 17.67
CA PRO B 4 2.69 -14.68 16.67
C PRO B 4 1.80 -15.22 15.56
N ARG B 5 0.49 -15.29 15.76
CA ARG B 5 -0.39 -15.83 14.73
C ARG B 5 -0.72 -14.81 13.64
N LYS B 6 -0.38 -13.54 13.83
CA LYS B 6 -0.56 -12.56 12.78
C LYS B 6 0.36 -12.87 11.60
N ARG B 7 -0.03 -12.41 10.42
CA ARG B 7 0.71 -12.69 9.20
C ARG B 7 0.82 -11.42 8.36
N HIS B 8 1.93 -11.29 7.66
CA HIS B 8 2.10 -10.25 6.66
C HIS B 8 1.64 -10.77 5.29
N ARG B 9 1.60 -9.88 4.32
CA ARG B 9 1.09 -10.20 2.99
C ARG B 9 1.86 -11.33 2.32
CA SER C 2 1.37 1.96 -3.79
C SER C 2 0.75 2.31 -5.15
N ASN C 3 0.49 3.60 -5.36
CA ASN C 3 0.16 4.11 -6.68
C ASN C 3 1.51 4.35 -7.37
N PRO C 4 1.70 5.26 -8.34
CA PRO C 4 2.95 5.19 -9.11
C PRO C 4 4.11 5.84 -8.36
N ARG C 5 5.29 5.21 -8.47
CA ARG C 5 6.47 5.74 -7.81
C ARG C 5 6.90 7.08 -8.42
N LYS C 6 6.74 7.22 -9.74
CA LYS C 6 7.14 8.43 -10.43
C LYS C 6 6.03 8.87 -11.37
N ARG C 7 6.11 10.14 -11.79
CA ARG C 7 5.07 10.75 -12.61
C ARG C 7 5.71 11.60 -13.69
N HIS C 8 5.35 11.34 -14.94
CA HIS C 8 5.76 12.15 -16.07
C HIS C 8 4.77 13.28 -16.28
N ARG C 9 5.26 14.45 -16.68
CA ARG C 9 4.40 15.60 -16.99
C ARG C 9 4.40 15.80 -18.50
N ALA C 10 3.26 15.52 -19.13
CA ALA C 10 3.09 15.70 -20.56
C ALA C 10 2.31 16.95 -20.91
N ASP C 11 1.27 17.26 -20.14
CA ASP C 11 0.39 18.41 -20.40
C ASP C 11 -0.20 18.36 -21.80
#